data_6Z8N
#
_entry.id   6Z8N
#
_cell.length_a   76.665
_cell.length_b   213.971
_cell.length_c   94.052
_cell.angle_alpha   90.000
_cell.angle_beta   90.000
_cell.angle_gamma   90.000
#
_symmetry.space_group_name_H-M   'C 2 2 21'
#
loop_
_entity.id
_entity.type
_entity.pdbx_description
1 polymer 'Neurotensin receptor type 1,Neurotensin receptor type 1,Neurotensin receptor type 1,Neurotensin receptor type 1,Neurotensin receptor 1 (NTSR1),Neurotensin receptor 1 (NTSR1)'
2 non-polymer '(2~{S})-4-methyl-2-[(1-quinolin-8-ylsulfonylindol-3-yl)carbonylamino]pentanoic acid'
#
_entity_poly.entity_id   1
_entity_poly.type   'polypeptide(L)'
_entity_poly.pdbx_seq_one_letter_code
;GPGSGPNSDLDVNTDIYSKVLVTAIYLALFVVGTVGNGVTLFTLARKKSLQSLQSRVDYYLGSLALSDLLILLFALPVDL
YNFIWVHHPWAFGDAGCKGYYFLREACTYATALNVVSLSVELYLAICHPFKAKTLMSRSRTKKFISAIWLASALLAIPML
FTMGLQNLSGDGTHPGGLVCTPIVDTATLRVVIQLNTFMSFLFPMLVASILNTVAARRLTVMVHQAAFNMTIEPGRVQAL
RRGVLVLRAVVIAFVVCWLPYHVRRLMFVYISDEQWTTALFDFYHYFYMLSNALVYVSAAINPILYNLAEDLVEDWEKAR
KLLEAARKGQDDEVRILLANGADVNTADETGFTPLHLAAWEGHLGIVEVLLKNGADVNANDERGHTPLHLAAYTGHLEIV
EVLLKNGAGVNATDVIGTAPLHLAAMWGHLEIVEVLLKNGADVNAQDKFGKTPFDLAIDNGNEDIAEVLQKAATRELEVL
FQ
;
_entity_poly.pdbx_strand_id   AAA
#
# COMPACT_ATOMS: atom_id res chain seq x y z
N ASP A 15 27.35 26.00 -25.49
CA ASP A 15 26.41 26.82 -24.67
C ASP A 15 26.80 26.68 -23.18
N ILE A 16 27.35 27.74 -22.59
CA ILE A 16 27.83 27.78 -21.17
C ILE A 16 26.61 27.70 -20.23
N TYR A 17 25.58 28.50 -20.51
CA TYR A 17 24.36 28.66 -19.67
C TYR A 17 23.72 27.29 -19.39
N SER A 18 23.49 26.50 -20.45
CA SER A 18 22.87 25.15 -20.39
C SER A 18 23.46 24.35 -19.21
N LYS A 19 24.79 24.26 -19.15
CA LYS A 19 25.54 23.49 -18.14
C LYS A 19 25.32 24.09 -16.74
N VAL A 20 25.32 25.43 -16.65
CA VAL A 20 25.11 26.19 -15.37
C VAL A 20 23.71 25.89 -14.83
N LEU A 21 22.70 25.83 -15.70
CA LEU A 21 21.30 25.50 -15.35
C LEU A 21 21.23 24.04 -14.85
N VAL A 22 21.87 23.12 -15.58
CA VAL A 22 21.91 21.66 -15.26
C VAL A 22 22.61 21.45 -13.91
N THR A 23 23.73 22.16 -13.69
CA THR A 23 24.55 22.10 -12.44
C THR A 23 23.65 22.38 -11.23
N ALA A 24 22.88 23.47 -11.28
CA ALA A 24 21.95 23.90 -10.21
C ALA A 24 20.96 22.77 -9.90
N ILE A 25 20.33 22.21 -10.94
CA ILE A 25 19.30 21.13 -10.82
C ILE A 25 19.96 19.88 -10.22
N TYR A 26 21.14 19.50 -10.72
CA TYR A 26 21.94 18.34 -10.24
C TYR A 26 22.23 18.49 -8.74
N LEU A 27 22.73 19.67 -8.34
CA LEU A 27 23.03 20.02 -6.92
C LEU A 27 21.74 19.92 -6.09
N ALA A 28 20.63 20.47 -6.61
CA ALA A 28 19.30 20.44 -5.96
C ALA A 28 18.89 18.99 -5.68
N LEU A 29 18.97 18.14 -6.71
CA LEU A 29 18.66 16.69 -6.63
C LEU A 29 19.67 15.98 -5.73
N PHE A 30 20.96 16.38 -5.79
CA PHE A 30 22.07 15.79 -5.01
C PHE A 30 21.84 16.02 -3.51
N VAL A 31 21.78 17.29 -3.09
CA VAL A 31 21.77 17.69 -1.65
C VAL A 31 20.57 17.07 -0.93
N VAL A 32 19.36 17.20 -1.50
CA VAL A 32 18.09 16.72 -0.85
C VAL A 32 17.92 15.22 -1.11
N GLY A 33 18.30 14.74 -2.30
CA GLY A 33 18.18 13.33 -2.70
C GLY A 33 19.08 12.43 -1.87
N THR A 34 20.34 12.84 -1.68
CA THR A 34 21.36 12.11 -0.87
C THR A 34 20.90 12.07 0.59
N VAL A 35 20.56 13.24 1.15
CA VAL A 35 20.06 13.39 2.55
C VAL A 35 18.74 12.63 2.69
N GLY A 36 17.84 12.79 1.73
CA GLY A 36 16.50 12.13 1.71
C GLY A 36 16.63 10.62 1.87
N ASN A 37 17.38 9.97 0.99
CA ASN A 37 17.57 8.50 0.94
C ASN A 37 18.43 8.06 2.14
N GLY A 38 19.43 8.87 2.53
CA GLY A 38 20.27 8.63 3.70
C GLY A 38 19.45 8.47 4.97
N VAL A 39 18.47 9.36 5.17
CA VAL A 39 17.53 9.36 6.34
C VAL A 39 16.69 8.08 6.30
N THR A 40 16.18 7.70 5.13
CA THR A 40 15.31 6.50 4.92
C THR A 40 16.04 5.26 5.45
N LEU A 41 17.31 5.08 5.07
CA LEU A 41 18.15 3.93 5.50
C LEU A 41 18.34 3.98 7.03
N PHE A 42 18.82 5.12 7.53
CA PHE A 42 19.04 5.42 8.98
C PHE A 42 17.77 5.08 9.77
N THR A 43 16.60 5.52 9.28
CA THR A 43 15.27 5.31 9.90
C THR A 43 14.98 3.80 9.98
N LEU A 44 15.09 3.09 8.85
CA LEU A 44 14.78 1.64 8.73
C LEU A 44 15.74 0.82 9.60
N ALA A 45 17.03 1.15 9.58
CA ALA A 45 18.11 0.49 10.35
C ALA A 45 17.77 0.49 11.84
N ARG A 46 17.20 1.58 12.35
CA ARG A 46 16.87 1.78 13.79
C ARG A 46 15.41 1.40 14.06
N LYS A 47 14.60 1.17 13.03
CA LYS A 47 13.12 1.04 13.11
C LYS A 47 12.73 -0.03 14.15
N LYS A 48 13.26 -1.25 13.99
CA LYS A 48 12.98 -2.42 14.88
C LYS A 48 11.48 -2.76 14.81
N SER A 49 10.95 -2.94 13.60
CA SER A 49 9.52 -3.25 13.32
C SER A 49 9.22 -4.70 13.73
N LEU A 50 8.15 -4.90 14.49
CA LEU A 50 7.71 -6.22 15.03
C LEU A 50 6.84 -6.95 13.97
N GLN A 51 5.92 -6.21 13.34
CA GLN A 51 4.97 -6.73 12.31
C GLN A 51 5.77 -7.26 11.11
N SER A 52 5.28 -8.36 10.50
CA SER A 52 5.91 -9.07 9.36
C SER A 52 5.81 -8.21 8.09
N LEU A 53 4.60 -7.76 7.75
CA LEU A 53 4.30 -6.93 6.55
C LEU A 53 5.21 -5.70 6.54
N GLN A 54 5.33 -5.01 7.68
CA GLN A 54 6.20 -3.82 7.87
C GLN A 54 7.63 -4.18 7.45
N SER A 55 8.25 -5.14 8.14
CA SER A 55 9.65 -5.62 7.92
C SER A 55 9.83 -6.05 6.45
N ARG A 56 8.88 -6.83 5.91
CA ARG A 56 8.92 -7.39 4.54
C ARG A 56 9.06 -6.27 3.50
N VAL A 57 8.22 -5.22 3.62
CA VAL A 57 8.20 -4.05 2.70
C VAL A 57 9.47 -3.21 2.91
N ASP A 58 9.84 -2.97 4.17
CA ASP A 58 10.97 -2.10 4.59
C ASP A 58 12.26 -2.51 3.85
N TYR A 59 12.51 -3.82 3.73
CA TYR A 59 13.74 -4.38 3.08
C TYR A 59 13.82 -3.91 1.62
N TYR A 60 12.68 -3.87 0.92
CA TYR A 60 12.56 -3.41 -0.49
C TYR A 60 12.81 -1.90 -0.56
N LEU A 61 12.19 -1.13 0.35
CA LEU A 61 12.32 0.35 0.43
C LEU A 61 13.79 0.70 0.73
N GLY A 62 14.44 -0.07 1.62
CA GLY A 62 15.87 0.06 1.94
C GLY A 62 16.74 -0.22 0.73
N SER A 63 16.42 -1.28 -0.02
CA SER A 63 17.11 -1.70 -1.27
C SER A 63 17.01 -0.57 -2.31
N LEU A 64 15.83 0.03 -2.45
CA LEU A 64 15.57 1.17 -3.37
C LEU A 64 16.29 2.42 -2.87
N ALA A 65 16.26 2.67 -1.56
CA ALA A 65 16.94 3.79 -0.88
C ALA A 65 18.46 3.70 -1.12
N LEU A 66 19.03 2.49 -1.01
CA LEU A 66 20.48 2.22 -1.16
C LEU A 66 20.91 2.47 -2.61
N SER A 67 20.25 1.80 -3.56
CA SER A 67 20.55 1.88 -5.02
C SER A 67 20.47 3.34 -5.50
N ASP A 68 19.43 4.06 -5.08
CA ASP A 68 19.14 5.46 -5.52
C ASP A 68 20.11 6.44 -4.82
N LEU A 69 20.55 6.13 -3.60
CA LEU A 69 21.59 6.91 -2.87
C LEU A 69 22.92 6.83 -3.62
N LEU A 70 23.33 5.62 -3.99
CA LEU A 70 24.62 5.34 -4.70
C LEU A 70 24.66 6.09 -6.04
N ILE A 71 23.53 6.10 -6.76
CA ILE A 71 23.36 6.83 -8.06
C ILE A 71 23.65 8.32 -7.84
N LEU A 72 23.19 8.88 -6.73
CA LEU A 72 23.30 10.33 -6.40
C LEU A 72 24.67 10.64 -5.79
N LEU A 73 25.22 9.74 -4.97
CA LEU A 73 26.45 9.97 -4.17
C LEU A 73 27.69 9.87 -5.07
N PHE A 74 27.71 8.95 -6.03
CA PHE A 74 28.94 8.55 -6.78
C PHE A 74 28.79 8.87 -8.27
N ALA A 75 27.69 8.45 -8.91
CA ALA A 75 27.46 8.60 -10.37
C ALA A 75 27.26 10.09 -10.71
N LEU A 76 26.43 10.82 -9.95
CA LEU A 76 26.06 12.23 -10.25
C LEU A 76 27.30 13.12 -10.23
N PRO A 77 28.13 13.12 -9.15
CA PRO A 77 29.31 13.99 -9.10
C PRO A 77 30.29 13.77 -10.27
N VAL A 78 30.58 12.51 -10.59
CA VAL A 78 31.46 12.11 -11.73
C VAL A 78 30.81 12.61 -13.03
N ASP A 79 29.52 12.30 -13.21
CA ASP A 79 28.70 12.71 -14.38
C ASP A 79 28.81 14.23 -14.57
N LEU A 80 28.52 14.99 -13.52
CA LEU A 80 28.43 16.48 -13.55
C LEU A 80 29.76 17.09 -14.00
N TYR A 81 30.89 16.56 -13.49
CA TYR A 81 32.23 17.18 -13.65
C TYR A 81 32.83 16.88 -15.03
N ASN A 82 32.63 15.68 -15.58
CA ASN A 82 33.37 15.19 -16.78
C ASN A 82 32.43 15.00 -17.99
N PHE A 83 31.12 14.83 -17.78
CA PHE A 83 30.14 14.56 -18.86
C PHE A 83 29.28 15.80 -19.16
N ILE A 84 28.86 16.54 -18.13
CA ILE A 84 28.10 17.81 -18.29
C ILE A 84 29.10 18.90 -18.69
N TRP A 85 30.07 19.19 -17.83
CA TRP A 85 31.22 20.10 -18.12
C TRP A 85 32.30 19.32 -18.88
N VAL A 86 32.15 19.22 -20.20
CA VAL A 86 32.93 18.30 -21.09
C VAL A 86 34.39 18.79 -21.21
N HIS A 87 34.61 20.11 -21.08
CA HIS A 87 35.93 20.77 -21.29
C HIS A 87 36.97 20.26 -20.28
N HIS A 88 36.54 19.74 -19.13
CA HIS A 88 37.40 19.11 -18.10
C HIS A 88 37.99 17.81 -18.65
N PRO A 89 39.30 17.57 -18.48
CA PRO A 89 39.88 16.25 -18.75
C PRO A 89 39.50 15.25 -17.65
N TRP A 90 39.45 13.96 -17.98
CA TRP A 90 39.03 12.86 -17.06
C TRP A 90 39.93 12.88 -15.82
N ALA A 91 39.33 13.02 -14.63
CA ALA A 91 40.02 13.28 -13.34
C ALA A 91 39.94 12.06 -12.41
N PHE A 92 39.36 10.95 -12.87
CA PHE A 92 39.05 9.75 -12.03
C PHE A 92 39.86 8.52 -12.48
N GLY A 93 40.68 8.66 -13.53
CA GLY A 93 41.59 7.59 -14.02
C GLY A 93 40.83 6.40 -14.58
N ASP A 94 41.57 5.36 -14.99
CA ASP A 94 41.02 4.15 -15.68
C ASP A 94 40.05 3.43 -14.75
N ALA A 95 40.41 3.26 -13.48
CA ALA A 95 39.58 2.63 -12.43
C ALA A 95 38.24 3.38 -12.31
N GLY A 96 38.30 4.71 -12.19
CA GLY A 96 37.13 5.59 -12.06
C GLY A 96 36.19 5.48 -13.24
N CYS A 97 36.74 5.38 -14.46
CA CYS A 97 35.98 5.23 -15.73
C CYS A 97 35.20 3.91 -15.72
N LYS A 98 35.91 2.79 -15.54
CA LYS A 98 35.34 1.41 -15.50
C LYS A 98 34.37 1.30 -14.32
N GLY A 99 34.75 1.82 -13.15
CA GLY A 99 33.96 1.78 -11.92
C GLY A 99 32.65 2.56 -12.04
N TYR A 100 32.71 3.77 -12.60
CA TYR A 100 31.55 4.69 -12.80
C TYR A 100 30.43 3.95 -13.51
N TYR A 101 30.73 3.34 -14.66
CA TYR A 101 29.74 2.67 -15.56
C TYR A 101 29.27 1.36 -14.93
N PHE A 102 30.17 0.61 -14.29
CA PHE A 102 29.87 -0.65 -13.54
C PHE A 102 28.82 -0.36 -12.47
N LEU A 103 29.13 0.60 -11.57
CA LEU A 103 28.26 0.99 -10.44
C LEU A 103 26.94 1.57 -10.96
N ARG A 104 27.01 2.44 -11.97
CA ARG A 104 25.82 3.06 -12.61
C ARG A 104 24.91 1.95 -13.16
N GLU A 105 25.49 0.99 -13.88
CA GLU A 105 24.76 -0.14 -14.52
C GLU A 105 24.14 -1.03 -13.44
N ALA A 106 24.92 -1.39 -12.41
CA ALA A 106 24.49 -2.24 -11.28
C ALA A 106 23.25 -1.64 -10.60
N CYS A 107 23.23 -0.31 -10.42
CA CYS A 107 22.16 0.42 -9.70
C CYS A 107 20.87 0.45 -10.53
N THR A 108 20.97 0.72 -11.84
CA THR A 108 19.81 0.75 -12.79
C THR A 108 19.05 -0.57 -12.67
N TYR A 109 19.77 -1.69 -12.82
CA TYR A 109 19.28 -3.08 -12.66
C TYR A 109 18.55 -3.21 -11.31
N ALA A 110 19.30 -3.03 -10.21
CA ALA A 110 18.83 -3.17 -8.82
C ALA A 110 17.48 -2.44 -8.64
N THR A 111 17.44 -1.16 -9.00
CA THR A 111 16.25 -0.28 -8.92
C THR A 111 15.07 -0.93 -9.67
N ALA A 112 15.29 -1.26 -10.96
CA ALA A 112 14.28 -1.86 -11.86
C ALA A 112 13.76 -3.18 -11.26
N LEU A 113 14.66 -4.04 -10.78
CA LEU A 113 14.34 -5.36 -10.20
C LEU A 113 13.55 -5.18 -8.89
N ASN A 114 13.96 -4.23 -8.04
CA ASN A 114 13.27 -3.87 -6.79
C ASN A 114 11.85 -3.35 -7.12
N VAL A 115 11.75 -2.49 -8.14
CA VAL A 115 10.46 -1.86 -8.58
C VAL A 115 9.48 -2.97 -8.99
N VAL A 116 9.90 -3.90 -9.84
CA VAL A 116 9.04 -5.02 -10.33
C VAL A 116 8.79 -6.01 -9.18
N SER A 117 9.76 -6.17 -8.27
CA SER A 117 9.66 -7.03 -7.06
C SER A 117 8.47 -6.58 -6.20
N LEU A 118 8.18 -5.28 -6.16
CA LEU A 118 7.00 -4.71 -5.45
C LEU A 118 5.72 -5.17 -6.16
N SER A 119 5.72 -5.20 -7.50
CA SER A 119 4.57 -5.54 -8.36
C SER A 119 4.16 -7.01 -8.16
N VAL A 120 5.14 -7.92 -8.05
CA VAL A 120 4.87 -9.38 -7.84
C VAL A 120 4.30 -9.57 -6.44
N GLU A 121 4.85 -8.83 -5.45
CA GLU A 121 4.44 -8.92 -4.01
C GLU A 121 3.00 -8.44 -3.85
N LEU A 122 2.63 -7.33 -4.52
CA LEU A 122 1.25 -6.78 -4.52
C LEU A 122 0.32 -7.77 -5.23
N TYR A 123 0.69 -8.20 -6.44
CA TYR A 123 -0.05 -9.19 -7.26
C TYR A 123 -0.33 -10.44 -6.40
N LEU A 124 0.72 -11.01 -5.80
CA LEU A 124 0.64 -12.21 -4.92
C LEU A 124 -0.36 -11.97 -3.80
N ALA A 125 -0.25 -10.84 -3.10
CA ALA A 125 -1.12 -10.45 -1.97
C ALA A 125 -2.58 -10.34 -2.44
N ILE A 126 -2.82 -9.71 -3.59
CA ILE A 126 -4.16 -9.47 -4.17
C ILE A 126 -4.72 -10.78 -4.75
N CYS A 127 -3.96 -11.43 -5.64
CA CYS A 127 -4.44 -12.53 -6.54
C CYS A 127 -4.24 -13.92 -5.91
N HIS A 128 -3.40 -14.04 -4.87
CA HIS A 128 -3.17 -15.30 -4.13
C HIS A 128 -3.11 -15.03 -2.62
N PRO A 129 -4.21 -14.52 -2.01
CA PRO A 129 -4.17 -14.13 -0.59
C PRO A 129 -3.85 -15.29 0.36
N PHE A 130 -4.53 -16.43 0.19
CA PHE A 130 -4.37 -17.66 1.01
C PHE A 130 -2.93 -18.18 0.89
N LYS A 131 -2.43 -18.29 -0.34
CA LYS A 131 -1.08 -18.80 -0.67
C LYS A 131 -0.01 -17.86 -0.11
N ALA A 132 -0.12 -16.56 -0.40
CA ALA A 132 0.87 -15.50 -0.07
C ALA A 132 1.02 -15.38 1.46
N LYS A 133 -0.10 -15.25 2.17
CA LYS A 133 -0.15 -15.04 3.65
C LYS A 133 0.72 -16.08 4.36
N THR A 134 0.57 -17.36 3.98
CA THR A 134 1.28 -18.52 4.59
C THR A 134 2.72 -18.60 4.06
N LEU A 135 2.90 -18.41 2.75
CA LEU A 135 4.17 -18.73 2.02
C LEU A 135 5.07 -17.50 1.87
N MET A 136 4.86 -16.45 2.69
CA MET A 136 5.74 -15.25 2.74
C MET A 136 6.33 -15.10 4.14
N SER A 137 7.67 -15.19 4.24
CA SER A 137 8.46 -15.02 5.48
C SER A 137 9.47 -13.88 5.30
N ARG A 138 10.00 -13.33 6.40
CA ARG A 138 11.03 -12.26 6.40
C ARG A 138 12.33 -12.82 5.81
N SER A 139 12.72 -14.03 6.23
CA SER A 139 13.96 -14.74 5.81
C SER A 139 13.94 -14.98 4.30
N ARG A 140 12.78 -15.31 3.74
CA ARG A 140 12.58 -15.56 2.28
C ARG A 140 12.88 -14.29 1.49
N THR A 141 12.44 -13.13 1.98
CA THR A 141 12.60 -11.80 1.34
C THR A 141 14.07 -11.38 1.34
N LYS A 142 14.75 -11.52 2.48
CA LYS A 142 16.18 -11.15 2.67
C LYS A 142 17.04 -11.84 1.60
N LYS A 143 16.90 -13.16 1.48
CA LYS A 143 17.66 -14.00 0.51
C LYS A 143 17.33 -13.58 -0.92
N PHE A 144 16.05 -13.27 -1.19
CA PHE A 144 15.53 -12.83 -2.51
C PHE A 144 16.20 -11.52 -2.93
N ILE A 145 16.24 -10.53 -2.02
CA ILE A 145 16.87 -9.20 -2.26
C ILE A 145 18.38 -9.37 -2.46
N SER A 146 19.02 -10.23 -1.67
CA SER A 146 20.47 -10.59 -1.78
C SER A 146 20.78 -11.05 -3.21
N ALA A 147 19.90 -11.89 -3.77
CA ALA A 147 20.00 -12.43 -5.15
C ALA A 147 19.93 -11.28 -6.16
N ILE A 148 19.01 -10.33 -5.96
CA ILE A 148 18.80 -9.16 -6.87
C ILE A 148 20.12 -8.39 -6.99
N TRP A 149 20.66 -7.93 -5.86
CA TRP A 149 21.94 -7.16 -5.79
C TRP A 149 23.06 -7.95 -6.48
N LEU A 150 23.16 -9.26 -6.19
CA LEU A 150 24.19 -10.17 -6.77
C LEU A 150 23.99 -10.24 -8.28
N ALA A 151 22.77 -10.58 -8.73
CA ALA A 151 22.38 -10.67 -10.15
C ALA A 151 22.73 -9.37 -10.88
N SER A 152 22.40 -8.23 -10.26
CA SER A 152 22.70 -6.85 -10.76
C SER A 152 24.22 -6.69 -10.94
N ALA A 153 24.97 -6.98 -9.87
CA ALA A 153 26.46 -6.89 -9.82
C ALA A 153 27.07 -7.76 -10.93
N LEU A 154 26.58 -9.00 -11.06
CA LEU A 154 27.05 -9.98 -12.09
C LEU A 154 26.81 -9.40 -13.48
N LEU A 155 25.62 -8.86 -13.74
CA LEU A 155 25.20 -8.32 -15.06
C LEU A 155 25.88 -6.97 -15.34
N ALA A 156 26.47 -6.35 -14.31
CA ALA A 156 27.17 -5.04 -14.41
C ALA A 156 28.64 -5.24 -14.81
N ILE A 157 29.21 -6.42 -14.52
CA ILE A 157 30.66 -6.75 -14.72
C ILE A 157 31.08 -6.39 -16.14
N PRO A 158 30.33 -6.79 -17.20
CA PRO A 158 30.72 -6.47 -18.57
C PRO A 158 31.20 -5.02 -18.79
N MET A 159 30.57 -4.05 -18.12
CA MET A 159 30.87 -2.60 -18.25
C MET A 159 32.29 -2.29 -17.76
N LEU A 160 32.89 -3.17 -16.95
CA LEU A 160 34.32 -3.08 -16.53
C LEU A 160 35.23 -3.40 -17.73
N PHE A 161 34.73 -4.16 -18.71
CA PHE A 161 35.50 -4.67 -19.89
C PHE A 161 35.16 -3.87 -21.15
N THR A 162 33.95 -3.32 -21.28
CA THR A 162 33.45 -2.63 -22.49
C THR A 162 33.89 -1.16 -22.50
N MET A 163 33.98 -0.53 -21.31
CA MET A 163 34.34 0.91 -21.15
C MET A 163 35.79 1.02 -20.66
N GLY A 164 36.47 2.11 -21.03
CA GLY A 164 37.87 2.40 -20.67
C GLY A 164 38.31 3.76 -21.17
N LEU A 165 39.53 4.19 -20.81
CA LEU A 165 40.11 5.50 -21.20
C LEU A 165 40.82 5.39 -22.54
N GLN A 166 40.52 6.31 -23.47
CA GLN A 166 41.23 6.51 -24.75
C GLN A 166 41.62 7.99 -24.89
N ASN A 167 42.84 8.26 -25.33
CA ASN A 167 43.37 9.63 -25.54
C ASN A 167 43.11 10.05 -26.99
N LEU A 168 42.50 11.22 -27.19
CA LEU A 168 42.23 11.83 -28.53
C LEU A 168 42.98 13.17 -28.63
N SER A 169 44.26 13.18 -28.21
CA SER A 169 45.14 14.39 -28.18
C SER A 169 45.38 14.88 -29.61
N GLY A 177 42.34 15.19 -25.47
CA GLY A 177 42.53 14.80 -24.07
C GLY A 177 41.99 13.40 -23.79
N LEU A 178 41.88 13.03 -22.51
CA LEU A 178 41.38 11.71 -22.05
C LEU A 178 39.85 11.76 -21.94
N VAL A 179 39.17 10.71 -22.42
CA VAL A 179 37.68 10.55 -22.38
C VAL A 179 37.36 9.11 -21.95
N CYS A 180 36.37 8.95 -21.06
CA CYS A 180 35.83 7.63 -20.63
C CYS A 180 34.82 7.16 -21.68
N THR A 181 35.28 6.32 -22.63
CA THR A 181 34.58 5.96 -23.89
C THR A 181 34.60 4.45 -24.06
N PRO A 182 33.69 3.85 -24.87
CA PRO A 182 33.76 2.42 -25.17
C PRO A 182 35.06 2.05 -25.91
N ILE A 183 35.74 1.00 -25.44
CA ILE A 183 37.08 0.56 -25.97
C ILE A 183 36.88 -0.63 -26.92
N VAL A 184 35.77 -1.37 -26.81
CA VAL A 184 35.42 -2.52 -27.70
C VAL A 184 34.86 -1.98 -29.03
N ASP A 185 34.62 -2.86 -29.99
CA ASP A 185 34.05 -2.51 -31.33
C ASP A 185 32.55 -2.22 -31.19
N THR A 186 31.98 -1.52 -32.16
CA THR A 186 30.57 -1.05 -32.17
C THR A 186 29.61 -2.23 -32.02
N ALA A 187 29.92 -3.37 -32.64
CA ALA A 187 29.08 -4.60 -32.65
C ALA A 187 28.93 -5.14 -31.22
N THR A 188 30.04 -5.33 -30.51
CA THR A 188 30.08 -5.82 -29.11
C THR A 188 29.32 -4.85 -28.19
N LEU A 189 29.52 -3.54 -28.40
CA LEU A 189 28.90 -2.45 -27.60
C LEU A 189 27.37 -2.49 -27.79
N ARG A 190 26.90 -2.65 -29.04
CA ARG A 190 25.45 -2.68 -29.39
C ARG A 190 24.76 -3.82 -28.62
N VAL A 191 25.41 -4.99 -28.50
CA VAL A 191 24.85 -6.21 -27.86
C VAL A 191 24.64 -5.95 -26.36
N VAL A 192 25.72 -5.64 -25.63
CA VAL A 192 25.72 -5.49 -24.14
C VAL A 192 24.62 -4.52 -23.71
N ILE A 193 24.50 -3.37 -24.39
CA ILE A 193 23.54 -2.27 -24.01
C ILE A 193 22.11 -2.70 -24.37
N GLN A 194 21.92 -3.32 -25.53
CA GLN A 194 20.61 -3.90 -25.96
C GLN A 194 20.19 -4.98 -24.95
N LEU A 195 21.14 -5.81 -24.51
CA LEU A 195 20.94 -6.82 -23.43
C LEU A 195 20.47 -6.11 -22.16
N ASN A 196 21.20 -5.07 -21.75
CA ASN A 196 20.94 -4.28 -20.51
C ASN A 196 19.57 -3.59 -20.62
N THR A 197 19.26 -3.02 -21.78
CA THR A 197 17.99 -2.27 -22.04
C THR A 197 16.79 -3.20 -21.82
N PHE A 198 16.81 -4.39 -22.42
CA PHE A 198 15.72 -5.40 -22.32
C PHE A 198 15.65 -5.94 -20.89
N MET A 199 16.81 -6.25 -20.30
CA MET A 199 16.94 -6.90 -18.97
C MET A 199 16.56 -5.93 -17.84
N SER A 200 17.06 -4.69 -17.90
CA SER A 200 17.04 -3.72 -16.77
C SER A 200 15.97 -2.62 -16.97
N PHE A 201 15.12 -2.73 -18.00
CA PHE A 201 14.04 -1.73 -18.27
C PHE A 201 12.82 -2.40 -18.93
N LEU A 202 12.95 -2.82 -20.20
CA LEU A 202 11.80 -3.29 -21.03
C LEU A 202 11.08 -4.44 -20.33
N PHE A 203 11.79 -5.53 -20.03
CA PHE A 203 11.24 -6.75 -19.38
C PHE A 203 10.60 -6.38 -18.05
N PRO A 204 11.34 -5.74 -17.10
CA PRO A 204 10.77 -5.29 -15.83
C PRO A 204 9.47 -4.47 -15.97
N MET A 205 9.49 -3.43 -16.80
CA MET A 205 8.35 -2.47 -16.96
C MET A 205 7.17 -3.16 -17.65
N LEU A 206 7.43 -4.12 -18.54
CA LEU A 206 6.38 -4.97 -19.17
C LEU A 206 5.68 -5.77 -18.07
N VAL A 207 6.45 -6.52 -17.27
CA VAL A 207 5.94 -7.36 -16.15
C VAL A 207 5.20 -6.46 -15.16
N ALA A 208 5.86 -5.38 -14.72
CA ALA A 208 5.32 -4.40 -13.72
C ALA A 208 3.92 -3.94 -14.15
N SER A 209 3.78 -3.49 -15.39
CA SER A 209 2.51 -2.97 -15.97
C SER A 209 1.44 -4.06 -15.99
N ILE A 210 1.76 -5.23 -16.54
CA ILE A 210 0.85 -6.41 -16.65
C ILE A 210 0.35 -6.78 -15.26
N LEU A 211 1.27 -7.15 -14.35
CA LEU A 211 0.96 -7.62 -12.98
C LEU A 211 0.05 -6.60 -12.27
N ASN A 212 0.37 -5.31 -12.38
CA ASN A 212 -0.43 -4.20 -11.79
C ASN A 212 -1.84 -4.20 -12.40
N THR A 213 -1.92 -4.22 -13.74
CA THR A 213 -3.19 -4.18 -14.51
C THR A 213 -4.08 -5.37 -14.13
N VAL A 214 -3.50 -6.57 -14.01
CA VAL A 214 -4.24 -7.83 -13.68
C VAL A 214 -4.68 -7.77 -12.22
N ALA A 215 -3.81 -7.32 -11.31
CA ALA A 215 -4.08 -7.14 -9.86
C ALA A 215 -5.15 -6.07 -9.66
N ALA A 216 -5.07 -4.97 -10.41
CA ALA A 216 -6.03 -3.84 -10.40
C ALA A 216 -7.44 -4.35 -10.76
N ARG A 217 -7.53 -5.21 -11.78
CA ARG A 217 -8.79 -5.84 -12.26
C ARG A 217 -9.32 -6.79 -11.19
N ARG A 218 -8.44 -7.66 -10.66
CA ARG A 218 -8.76 -8.65 -9.60
C ARG A 218 -9.27 -7.93 -8.35
N LEU A 219 -8.64 -6.80 -7.99
CA LEU A 219 -9.03 -5.96 -6.82
C LEU A 219 -10.44 -5.43 -7.02
N THR A 220 -10.72 -4.82 -8.18
CA THR A 220 -12.03 -4.19 -8.54
C THR A 220 -13.16 -5.19 -8.31
N VAL A 221 -12.98 -6.44 -8.76
CA VAL A 221 -13.92 -7.58 -8.52
C VAL A 221 -14.13 -7.74 -7.02
N MET A 222 -13.03 -7.86 -6.25
CA MET A 222 -13.02 -8.06 -4.78
C MET A 222 -13.85 -6.97 -4.09
N VAL A 223 -13.68 -5.70 -4.50
CA VAL A 223 -14.40 -4.53 -3.93
C VAL A 223 -15.91 -4.70 -4.18
N HIS A 224 -16.28 -5.06 -5.42
CA HIS A 224 -17.69 -5.30 -5.85
C HIS A 224 -18.25 -6.54 -5.15
N GLN A 225 -17.42 -7.57 -4.98
CA GLN A 225 -17.79 -8.85 -4.30
C GLN A 225 -17.99 -8.60 -2.80
N ALA A 226 -17.12 -7.78 -2.19
CA ALA A 226 -17.09 -7.46 -0.74
C ALA A 226 -18.35 -6.66 -0.35
N ALA A 227 -18.62 -5.57 -1.08
CA ALA A 227 -19.73 -4.62 -0.82
C ALA A 227 -20.91 -4.95 -1.71
N PHE A 228 -22.06 -5.24 -1.09
CA PHE A 228 -23.28 -5.62 -1.79
C PHE A 228 -24.45 -4.84 -1.17
N ASN A 229 -25.48 -5.53 -0.66
CA ASN A 229 -26.63 -4.92 0.07
C ASN A 229 -26.09 -4.17 1.29
N MET A 230 -25.30 -4.85 2.13
CA MET A 230 -24.64 -4.27 3.32
C MET A 230 -23.53 -5.22 3.83
N THR A 231 -22.26 -4.81 3.67
CA THR A 231 -21.08 -5.47 4.28
C THR A 231 -19.92 -4.48 4.50
N ILE A 232 -20.19 -3.16 4.40
CA ILE A 232 -19.16 -2.09 4.44
C ILE A 232 -18.06 -2.41 3.43
N GLU A 233 -16.78 -2.37 3.84
CA GLU A 233 -15.60 -2.81 3.03
C GLU A 233 -14.47 -3.19 3.97
N PRO A 234 -13.90 -4.42 3.87
CA PRO A 234 -12.81 -4.83 4.74
C PRO A 234 -11.58 -3.91 4.62
N GLY A 235 -10.97 -3.55 5.76
CA GLY A 235 -9.80 -2.67 5.83
C GLY A 235 -8.63 -3.20 5.00
N ARG A 236 -8.43 -4.51 5.02
CA ARG A 236 -7.33 -5.21 4.30
C ARG A 236 -7.46 -4.96 2.78
N VAL A 237 -8.68 -5.01 2.25
CA VAL A 237 -8.99 -4.70 0.83
C VAL A 237 -8.69 -3.22 0.57
N GLN A 238 -9.14 -2.34 1.47
CA GLN A 238 -8.96 -0.86 1.37
C GLN A 238 -7.47 -0.51 1.32
N ALA A 239 -6.63 -1.29 2.01
CA ALA A 239 -5.16 -1.16 2.03
C ALA A 239 -4.60 -1.50 0.64
N LEU A 240 -5.02 -2.65 0.09
CA LEU A 240 -4.59 -3.15 -1.25
C LEU A 240 -5.10 -2.20 -2.34
N ARG A 241 -6.30 -1.64 -2.16
CA ARG A 241 -6.92 -0.64 -3.08
C ARG A 241 -6.04 0.60 -3.16
N ARG A 242 -5.42 0.99 -2.03
CA ARG A 242 -4.44 2.11 -1.96
C ARG A 242 -3.09 1.64 -2.52
N GLY A 243 -2.73 0.37 -2.30
CA GLY A 243 -1.48 -0.26 -2.77
C GLY A 243 -1.31 -0.12 -4.28
N VAL A 244 -2.31 -0.56 -5.05
CA VAL A 244 -2.30 -0.52 -6.54
C VAL A 244 -2.09 0.94 -6.99
N LEU A 245 -2.78 1.90 -6.38
CA LEU A 245 -2.74 3.34 -6.77
C LEU A 245 -1.31 3.87 -6.62
N VAL A 246 -0.59 3.43 -5.58
CA VAL A 246 0.81 3.85 -5.29
C VAL A 246 1.73 3.26 -6.37
N LEU A 247 1.71 1.95 -6.56
CA LEU A 247 2.54 1.23 -7.57
C LEU A 247 2.18 1.72 -8.98
N ARG A 248 0.90 2.03 -9.23
CA ARG A 248 0.42 2.64 -10.50
C ARG A 248 1.25 3.89 -10.80
N ALA A 249 1.57 4.68 -9.77
CA ALA A 249 2.38 5.92 -9.85
C ALA A 249 3.86 5.56 -10.07
N VAL A 250 4.36 4.55 -9.35
CA VAL A 250 5.80 4.11 -9.38
C VAL A 250 6.17 3.70 -10.81
N VAL A 251 5.34 2.87 -11.44
CA VAL A 251 5.57 2.34 -12.82
C VAL A 251 5.54 3.51 -13.81
N ILE A 252 4.50 4.35 -13.76
CA ILE A 252 4.34 5.55 -14.64
C ILE A 252 5.54 6.49 -14.38
N ALA A 253 5.98 6.62 -13.13
CA ALA A 253 7.11 7.47 -12.70
C ALA A 253 8.42 6.88 -13.25
N PHE A 254 8.62 5.57 -13.13
CA PHE A 254 9.84 4.85 -13.57
C PHE A 254 9.99 5.01 -15.09
N VAL A 255 8.92 4.81 -15.85
CA VAL A 255 8.92 4.81 -17.33
C VAL A 255 9.35 6.19 -17.84
N VAL A 256 8.68 7.26 -17.39
CA VAL A 256 8.91 8.66 -17.89
C VAL A 256 10.34 9.09 -17.56
N CYS A 257 10.90 8.61 -16.44
CA CYS A 257 12.24 9.01 -15.93
C CYS A 257 13.36 8.23 -16.63
N TRP A 258 13.12 6.95 -16.95
CA TRP A 258 14.17 5.99 -17.40
C TRP A 258 14.11 5.76 -18.92
N LEU A 259 12.96 5.92 -19.57
CA LEU A 259 12.81 5.68 -21.03
C LEU A 259 13.81 6.55 -21.80
N PRO A 260 13.87 7.88 -21.57
CA PRO A 260 14.79 8.75 -22.34
C PRO A 260 16.26 8.29 -22.23
N TYR A 261 16.69 7.96 -21.02
CA TYR A 261 18.06 7.46 -20.69
C TYR A 261 18.38 6.23 -21.55
N HIS A 262 17.51 5.22 -21.52
CA HIS A 262 17.66 3.95 -22.28
C HIS A 262 17.61 4.23 -23.79
N VAL A 263 16.68 5.09 -24.23
CA VAL A 263 16.51 5.49 -25.66
C VAL A 263 17.78 6.20 -26.13
N ARG A 264 18.34 7.09 -25.29
CA ARG A 264 19.58 7.85 -25.60
C ARG A 264 20.75 6.89 -25.80
N ARG A 265 20.87 5.88 -24.92
CA ARG A 265 21.97 4.88 -24.96
C ARG A 265 21.85 4.04 -26.23
N LEU A 266 20.62 3.67 -26.62
CA LEU A 266 20.35 2.92 -27.89
C LEU A 266 20.69 3.81 -29.10
N MET A 267 20.38 5.11 -29.03
CA MET A 267 20.75 6.09 -30.09
C MET A 267 22.26 6.12 -30.24
N PHE A 268 22.99 6.18 -29.12
CA PHE A 268 24.47 6.35 -29.06
C PHE A 268 25.16 5.17 -29.77
N VAL A 269 24.75 3.94 -29.48
CA VAL A 269 25.38 2.70 -30.03
C VAL A 269 25.12 2.61 -31.53
N TYR A 270 23.93 2.98 -32.00
CA TYR A 270 23.53 2.91 -33.44
C TYR A 270 24.09 4.12 -34.20
N ILE A 271 24.07 5.31 -33.59
CA ILE A 271 24.62 6.57 -34.17
C ILE A 271 26.11 6.65 -33.87
N SER A 272 26.90 5.68 -34.38
CA SER A 272 28.33 5.48 -34.06
C SER A 272 29.20 5.81 -35.28
N ASP A 273 30.19 6.71 -35.08
CA ASP A 273 31.27 7.05 -36.04
C ASP A 273 30.69 7.71 -37.30
N GLU A 274 31.57 8.23 -38.17
CA GLU A 274 31.23 8.83 -39.48
C GLU A 274 30.30 10.04 -39.30
N GLN A 275 29.06 9.79 -38.86
CA GLN A 275 27.98 10.79 -38.74
C GLN A 275 28.20 11.71 -37.52
N TRP A 276 29.15 11.38 -36.63
CA TRP A 276 29.47 12.20 -35.43
C TRP A 276 30.02 13.56 -35.87
N THR A 277 29.13 14.51 -36.16
CA THR A 277 29.45 15.93 -36.46
C THR A 277 29.51 16.72 -35.15
N THR A 278 30.09 17.92 -35.19
CA THR A 278 30.11 18.89 -34.05
C THR A 278 28.67 19.22 -33.65
N ALA A 279 27.78 19.38 -34.64
CA ALA A 279 26.35 19.76 -34.48
C ALA A 279 25.59 18.61 -33.79
N LEU A 280 25.74 17.38 -34.29
CA LEU A 280 25.01 16.18 -33.80
C LEU A 280 25.29 15.96 -32.31
N PHE A 281 26.54 16.18 -31.88
CA PHE A 281 26.97 16.06 -30.46
C PHE A 281 26.22 17.09 -29.61
N ASP A 282 26.22 18.35 -30.05
CA ASP A 282 25.54 19.49 -29.35
C ASP A 282 24.09 19.10 -29.06
N PHE A 283 23.40 18.48 -30.05
CA PHE A 283 22.02 17.97 -29.92
C PHE A 283 21.98 16.83 -28.89
N TYR A 284 22.81 15.80 -29.09
CA TYR A 284 22.92 14.61 -28.21
C TYR A 284 23.23 15.04 -26.77
N HIS A 285 24.06 16.07 -26.60
CA HIS A 285 24.48 16.60 -25.27
C HIS A 285 23.26 17.11 -24.51
N TYR A 286 22.35 17.83 -25.19
CA TYR A 286 21.05 18.29 -24.62
C TYR A 286 20.26 17.07 -24.15
N PHE A 287 20.09 16.08 -25.02
CA PHE A 287 19.44 14.77 -24.72
C PHE A 287 20.07 14.18 -23.46
N TYR A 288 21.40 14.18 -23.40
CA TYR A 288 22.21 13.59 -22.29
C TYR A 288 21.90 14.31 -20.97
N MET A 289 21.94 15.64 -20.98
CA MET A 289 21.60 16.50 -19.81
C MET A 289 20.18 16.17 -19.33
N LEU A 290 19.22 16.19 -20.26
CA LEU A 290 17.76 16.02 -20.00
C LEU A 290 17.48 14.60 -19.49
N SER A 291 18.00 13.58 -20.19
CA SER A 291 17.75 12.15 -19.92
C SER A 291 18.31 11.74 -18.54
N ASN A 292 19.53 12.20 -18.22
CA ASN A 292 20.24 11.86 -16.95
C ASN A 292 19.62 12.63 -15.78
N ALA A 293 19.25 13.90 -16.00
CA ALA A 293 18.55 14.75 -15.01
C ALA A 293 17.30 14.03 -14.48
N LEU A 294 16.54 13.38 -15.38
CA LEU A 294 15.28 12.66 -15.06
C LEU A 294 15.58 11.38 -14.27
N VAL A 295 16.73 10.74 -14.51
CA VAL A 295 17.21 9.56 -13.73
C VAL A 295 17.45 10.00 -12.28
N TYR A 296 18.13 11.13 -12.09
CA TYR A 296 18.46 11.72 -10.77
C TYR A 296 17.18 12.21 -10.08
N VAL A 297 16.17 12.63 -10.87
CA VAL A 297 14.80 12.99 -10.36
C VAL A 297 14.15 11.72 -9.79
N SER A 298 14.22 10.61 -10.52
CA SER A 298 13.67 9.29 -10.12
C SER A 298 14.27 8.86 -8.77
N ALA A 299 15.56 9.10 -8.57
CA ALA A 299 16.32 8.80 -7.33
C ALA A 299 15.87 9.75 -6.21
N ALA A 300 15.57 11.01 -6.55
CA ALA A 300 15.26 12.10 -5.60
C ALA A 300 13.81 12.00 -5.11
N ILE A 301 12.90 11.47 -5.93
CA ILE A 301 11.46 11.28 -5.56
C ILE A 301 11.29 9.97 -4.78
N ASN A 302 12.30 9.10 -4.79
CA ASN A 302 12.27 7.76 -4.15
C ASN A 302 11.74 7.87 -2.72
N PRO A 303 12.25 8.80 -1.87
CA PRO A 303 11.78 8.91 -0.48
C PRO A 303 10.28 9.17 -0.33
N ILE A 304 9.63 9.72 -1.36
CA ILE A 304 8.14 9.95 -1.38
C ILE A 304 7.44 8.59 -1.37
N LEU A 305 7.92 7.62 -2.16
CA LEU A 305 7.39 6.23 -2.20
C LEU A 305 7.46 5.62 -0.80
N TYR A 306 8.59 5.80 -0.10
CA TYR A 306 8.80 5.34 1.30
C TYR A 306 7.71 5.93 2.19
N ASN A 307 7.58 7.26 2.19
CA ASN A 307 6.59 8.02 3.01
C ASN A 307 5.18 7.49 2.74
N LEU A 308 4.81 7.35 1.46
CA LEU A 308 3.48 6.85 1.01
C LEU A 308 3.28 5.41 1.46
N ALA A 309 4.31 4.56 1.34
CA ALA A 309 4.28 3.13 1.74
C ALA A 309 4.09 3.02 3.26
N GLU A 310 4.88 3.79 4.04
CA GLU A 310 4.83 3.81 5.52
C GLU A 310 3.46 4.34 5.98
N ASP A 311 3.00 5.44 5.38
CA ASP A 311 1.70 6.09 5.69
C ASP A 311 0.57 5.06 5.53
N LEU A 312 0.61 4.27 4.46
CA LEU A 312 -0.40 3.21 4.14
C LEU A 312 -0.30 2.08 5.17
N VAL A 313 0.90 1.50 5.32
CA VAL A 313 1.18 0.33 6.21
C VAL A 313 0.81 0.70 7.66
N GLU A 314 1.12 1.93 8.08
CA GLU A 314 0.80 2.45 9.43
C GLU A 314 -0.73 2.45 9.63
N ASP A 315 -1.47 3.03 8.67
CA ASP A 315 -2.94 3.14 8.71
C ASP A 315 -3.59 1.75 8.81
N TRP A 316 -3.01 0.76 8.11
CA TRP A 316 -3.48 -0.66 8.14
C TRP A 316 -3.27 -1.23 9.55
N GLU A 317 -2.07 -1.07 10.11
CA GLU A 317 -1.69 -1.57 11.47
C GLU A 317 -2.57 -0.92 12.54
N LYS A 318 -2.74 0.42 12.47
CA LYS A 318 -3.62 1.20 13.40
C LYS A 318 -5.02 0.58 13.41
N ALA A 319 -5.55 0.25 12.22
CA ALA A 319 -6.91 -0.31 12.01
C ALA A 319 -7.00 -1.71 12.63
N ARG A 320 -6.01 -2.57 12.37
CA ARG A 320 -5.89 -3.93 12.97
C ARG A 320 -5.93 -3.79 14.49
N LYS A 321 -5.09 -2.89 15.03
CA LYS A 321 -4.94 -2.61 16.48
C LYS A 321 -6.30 -2.25 17.08
N LEU A 322 -7.08 -1.40 16.39
CA LEU A 322 -8.40 -0.90 16.86
C LEU A 322 -9.38 -2.06 17.02
N LEU A 323 -9.42 -2.96 16.03
CA LEU A 323 -10.27 -4.19 16.05
C LEU A 323 -9.82 -5.10 17.19
N GLU A 324 -8.51 -5.30 17.34
CA GLU A 324 -7.89 -6.14 18.40
C GLU A 324 -8.20 -5.53 19.77
N ALA A 325 -8.00 -4.22 19.93
CA ALA A 325 -8.16 -3.45 21.19
C ALA A 325 -9.62 -3.50 21.66
N ALA A 326 -10.57 -3.24 20.74
CA ALA A 326 -12.02 -3.22 21.00
C ALA A 326 -12.49 -4.60 21.49
N ARG A 327 -12.02 -5.67 20.84
CA ARG A 327 -12.34 -7.08 21.19
C ARG A 327 -11.71 -7.41 22.56
N LYS A 328 -10.41 -7.15 22.71
CA LYS A 328 -9.62 -7.42 23.94
C LYS A 328 -10.19 -6.61 25.11
N GLY A 329 -10.69 -5.41 24.85
CA GLY A 329 -11.22 -4.49 25.88
C GLY A 329 -10.13 -3.63 26.49
N GLN A 330 -9.11 -3.28 25.71
CA GLN A 330 -7.99 -2.38 26.10
C GLN A 330 -8.43 -0.93 25.81
N ASP A 331 -9.24 -0.37 26.71
CA ASP A 331 -9.87 0.98 26.57
C ASP A 331 -8.78 2.04 26.35
N ASP A 332 -7.67 1.96 27.09
CA ASP A 332 -6.50 2.86 26.97
C ASP A 332 -5.99 2.85 25.52
N GLU A 333 -5.74 1.65 24.98
CA GLU A 333 -5.25 1.43 23.59
C GLU A 333 -6.20 2.09 22.59
N VAL A 334 -7.50 1.78 22.68
CA VAL A 334 -8.58 2.29 21.79
C VAL A 334 -8.44 3.81 21.67
N ARG A 335 -8.42 4.51 22.81
CA ARG A 335 -8.31 6.00 22.88
C ARG A 335 -7.05 6.45 22.13
N ILE A 336 -5.90 5.83 22.44
CA ILE A 336 -4.56 6.14 21.86
C ILE A 336 -4.65 6.10 20.33
N LEU A 337 -5.24 5.04 19.77
CA LEU A 337 -5.34 4.79 18.31
C LEU A 337 -6.22 5.87 17.66
N LEU A 338 -7.41 6.13 18.23
CA LEU A 338 -8.41 7.10 17.69
C LEU A 338 -7.79 8.51 17.67
N ALA A 339 -6.94 8.83 18.67
CA ALA A 339 -6.23 10.13 18.78
C ALA A 339 -5.30 10.33 17.59
N ASN A 340 -4.72 9.24 17.06
CA ASN A 340 -3.76 9.24 15.94
C ASN A 340 -4.44 8.81 14.64
N GLY A 341 -5.71 9.21 14.46
CA GLY A 341 -6.47 9.10 13.20
C GLY A 341 -6.61 7.66 12.69
N ALA A 342 -6.85 6.71 13.61
CA ALA A 342 -7.20 5.31 13.28
C ALA A 342 -8.64 5.28 12.75
N ASP A 343 -8.90 4.47 11.72
CA ASP A 343 -10.22 4.40 11.03
C ASP A 343 -11.25 3.79 11.98
N VAL A 344 -12.20 4.60 12.46
CA VAL A 344 -13.25 4.22 13.44
C VAL A 344 -14.09 3.08 12.83
N ASN A 345 -14.48 3.22 11.56
CA ASN A 345 -15.30 2.25 10.80
C ASN A 345 -14.38 1.34 9.98
N THR A 346 -13.70 0.40 10.64
CA THR A 346 -12.83 -0.63 10.02
C THR A 346 -13.52 -1.99 10.11
N ALA A 347 -14.01 -2.51 8.97
CA ALA A 347 -14.55 -3.88 8.84
C ALA A 347 -13.39 -4.87 8.78
N ASP A 348 -13.57 -6.07 9.33
CA ASP A 348 -12.60 -7.20 9.25
C ASP A 348 -12.97 -8.05 8.02
N GLU A 349 -12.45 -9.28 7.94
CA GLU A 349 -12.67 -10.22 6.81
C GLU A 349 -14.17 -10.43 6.57
N THR A 350 -14.97 -10.55 7.64
CA THR A 350 -16.40 -10.91 7.61
C THR A 350 -17.29 -9.65 7.69
N GLY A 351 -16.71 -8.45 7.67
CA GLY A 351 -17.42 -7.17 7.59
C GLY A 351 -17.78 -6.60 8.96
N PHE A 352 -17.08 -7.02 10.02
CA PHE A 352 -17.32 -6.61 11.43
C PHE A 352 -16.54 -5.33 11.75
N THR A 353 -17.26 -4.22 11.98
CA THR A 353 -16.73 -2.94 12.51
C THR A 353 -16.27 -3.18 13.95
N PRO A 354 -15.42 -2.31 14.55
CA PRO A 354 -15.00 -2.49 15.94
C PRO A 354 -16.17 -2.40 16.93
N LEU A 355 -17.16 -1.54 16.63
CA LEU A 355 -18.38 -1.34 17.47
C LEU A 355 -19.12 -2.66 17.65
N HIS A 356 -19.18 -3.50 16.60
CA HIS A 356 -19.71 -4.88 16.64
C HIS A 356 -18.99 -5.67 17.74
N LEU A 357 -17.65 -5.73 17.65
CA LEU A 357 -16.77 -6.53 18.55
C LEU A 357 -16.88 -5.99 19.98
N ALA A 358 -16.92 -4.66 20.14
CA ALA A 358 -17.04 -3.96 21.43
C ALA A 358 -18.38 -4.33 22.08
N ALA A 359 -19.49 -4.17 21.34
CA ALA A 359 -20.87 -4.46 21.78
C ALA A 359 -21.02 -5.96 22.07
N TRP A 360 -20.41 -6.81 21.23
CA TRP A 360 -20.41 -8.30 21.37
C TRP A 360 -19.78 -8.69 22.71
N GLU A 361 -18.58 -8.19 22.99
CA GLU A 361 -17.78 -8.53 24.21
C GLU A 361 -18.32 -7.78 25.43
N GLY A 362 -19.06 -6.68 25.22
CA GLY A 362 -19.77 -5.92 26.28
C GLY A 362 -18.87 -4.93 26.99
N HIS A 363 -18.22 -4.04 26.23
CA HIS A 363 -17.32 -2.98 26.74
C HIS A 363 -18.01 -1.62 26.55
N LEU A 364 -18.95 -1.29 27.44
CA LEU A 364 -19.80 -0.05 27.40
C LEU A 364 -18.92 1.19 27.17
N GLY A 365 -17.76 1.24 27.85
CA GLY A 365 -16.79 2.36 27.73
C GLY A 365 -16.22 2.46 26.33
N ILE A 366 -15.72 1.36 25.78
CA ILE A 366 -15.14 1.27 24.40
C ILE A 366 -16.22 1.63 23.39
N VAL A 367 -17.46 1.17 23.62
CA VAL A 367 -18.65 1.45 22.76
C VAL A 367 -18.93 2.96 22.75
N GLU A 368 -19.00 3.57 23.94
CA GLU A 368 -19.25 5.02 24.13
C GLU A 368 -18.18 5.84 23.40
N VAL A 369 -16.91 5.45 23.55
CA VAL A 369 -15.72 6.16 22.99
C VAL A 369 -15.81 6.19 21.46
N LEU A 370 -16.04 5.02 20.84
CA LEU A 370 -16.13 4.85 19.37
C LEU A 370 -17.28 5.70 18.81
N LEU A 371 -18.47 5.57 19.40
CA LEU A 371 -19.69 6.34 19.02
C LEU A 371 -19.41 7.84 19.11
N LYS A 372 -18.62 8.26 20.11
CA LYS A 372 -18.18 9.66 20.34
C LYS A 372 -17.29 10.13 19.18
N ASN A 373 -16.53 9.20 18.56
CA ASN A 373 -15.58 9.49 17.45
C ASN A 373 -16.25 9.20 16.10
N GLY A 374 -17.58 9.06 16.06
CA GLY A 374 -18.37 8.97 14.82
C GLY A 374 -18.40 7.58 14.23
N ALA A 375 -18.41 6.54 15.07
CA ALA A 375 -18.55 5.12 14.67
C ALA A 375 -19.93 4.90 14.05
N ASP A 376 -20.00 4.16 12.94
CA ASP A 376 -21.27 3.85 12.22
C ASP A 376 -22.13 2.94 13.10
N VAL A 377 -23.20 3.48 13.67
CA VAL A 377 -24.12 2.80 14.63
C VAL A 377 -24.91 1.72 13.90
N ASN A 378 -25.20 1.91 12.60
CA ASN A 378 -26.02 0.99 11.76
C ASN A 378 -25.13 0.31 10.72
N ALA A 379 -23.98 -0.22 11.14
CA ALA A 379 -23.04 -0.99 10.30
C ALA A 379 -23.50 -2.46 10.26
N ASN A 380 -23.37 -3.11 9.09
CA ASN A 380 -23.82 -4.52 8.85
C ASN A 380 -22.61 -5.41 8.59
N ASP A 381 -22.68 -6.67 9.02
CA ASP A 381 -21.69 -7.74 8.74
C ASP A 381 -22.21 -8.57 7.55
N GLU A 382 -21.54 -9.70 7.25
CA GLU A 382 -21.96 -10.67 6.20
C GLU A 382 -23.42 -11.09 6.44
N ARG A 383 -23.74 -11.49 7.68
CA ARG A 383 -25.07 -12.01 8.08
C ARG A 383 -26.09 -10.87 8.16
N GLY A 384 -25.64 -9.60 8.13
CA GLY A 384 -26.51 -8.40 8.13
C GLY A 384 -26.77 -7.89 9.53
N HIS A 385 -26.06 -8.43 10.54
CA HIS A 385 -26.18 -8.06 11.97
C HIS A 385 -25.63 -6.64 12.19
N THR A 386 -26.40 -5.81 12.91
CA THR A 386 -25.97 -4.48 13.42
C THR A 386 -25.40 -4.67 14.81
N PRO A 387 -24.70 -3.65 15.39
CA PRO A 387 -24.21 -3.74 16.76
C PRO A 387 -25.31 -4.06 17.79
N LEU A 388 -26.52 -3.56 17.55
CA LEU A 388 -27.69 -3.73 18.46
C LEU A 388 -28.08 -5.22 18.54
N HIS A 389 -28.11 -5.92 17.39
CA HIS A 389 -28.37 -7.38 17.28
C HIS A 389 -27.49 -8.14 18.28
N LEU A 390 -26.21 -7.76 18.35
CA LEU A 390 -25.18 -8.41 19.20
C LEU A 390 -25.42 -8.05 20.68
N ALA A 391 -25.80 -6.80 20.95
CA ALA A 391 -26.09 -6.27 22.30
C ALA A 391 -27.37 -6.93 22.85
N ALA A 392 -28.34 -7.23 21.98
CA ALA A 392 -29.61 -7.92 22.31
C ALA A 392 -29.36 -9.41 22.57
N TYR A 393 -28.43 -10.01 21.81
CA TYR A 393 -27.95 -11.40 21.98
C TYR A 393 -27.25 -11.51 23.34
N THR A 394 -26.28 -10.61 23.59
CA THR A 394 -25.48 -10.50 24.84
C THR A 394 -26.42 -10.23 26.02
N GLY A 395 -27.33 -9.27 25.87
CA GLY A 395 -28.32 -8.86 26.91
C GLY A 395 -27.83 -7.68 27.74
N HIS A 396 -26.76 -7.01 27.29
CA HIS A 396 -26.16 -5.81 27.95
C HIS A 396 -27.08 -4.60 27.73
N LEU A 397 -27.94 -4.29 28.71
CA LEU A 397 -29.01 -3.28 28.63
C LEU A 397 -28.41 -1.87 28.43
N GLU A 398 -27.30 -1.57 29.10
CA GLU A 398 -26.64 -0.24 29.11
C GLU A 398 -26.16 0.12 27.70
N ILE A 399 -25.57 -0.84 26.98
CA ILE A 399 -25.04 -0.68 25.58
C ILE A 399 -26.23 -0.50 24.63
N VAL A 400 -27.21 -1.40 24.72
CA VAL A 400 -28.49 -1.33 23.95
C VAL A 400 -29.05 0.09 24.07
N GLU A 401 -29.24 0.57 25.31
CA GLU A 401 -29.72 1.95 25.63
C GLU A 401 -28.80 2.97 24.94
N VAL A 402 -27.48 2.81 25.09
CA VAL A 402 -26.43 3.71 24.51
C VAL A 402 -26.59 3.76 23.00
N LEU A 403 -26.58 2.59 22.34
CA LEU A 403 -26.68 2.44 20.87
C LEU A 403 -27.96 3.13 20.36
N LEU A 404 -29.11 2.85 21.01
CA LEU A 404 -30.43 3.41 20.65
C LEU A 404 -30.41 4.94 20.76
N LYS A 405 -29.72 5.47 21.77
CA LYS A 405 -29.53 6.93 22.00
C LYS A 405 -28.79 7.55 20.81
N ASN A 406 -27.83 6.82 20.23
CA ASN A 406 -26.95 7.29 19.13
C ASN A 406 -27.62 7.05 17.76
N GLY A 407 -28.88 6.60 17.74
CA GLY A 407 -29.70 6.48 16.52
C GLY A 407 -29.60 5.09 15.88
N ALA A 408 -29.41 4.05 16.69
CA ALA A 408 -29.40 2.64 16.24
C ALA A 408 -30.81 2.26 15.75
N GLY A 409 -30.90 1.63 14.57
CA GLY A 409 -32.17 1.13 14.00
C GLY A 409 -32.74 0.00 14.85
N VAL A 410 -33.98 0.14 15.31
CA VAL A 410 -34.67 -0.83 16.21
C VAL A 410 -35.19 -2.01 15.38
N ASN A 411 -35.71 -1.72 14.18
CA ASN A 411 -36.41 -2.72 13.31
C ASN A 411 -35.45 -3.21 12.21
N ALA A 412 -34.14 -3.03 12.39
CA ALA A 412 -33.07 -3.57 11.50
C ALA A 412 -33.15 -5.10 11.52
N THR A 413 -33.17 -5.74 10.35
CA THR A 413 -33.31 -7.20 10.17
C THR A 413 -32.07 -7.76 9.46
N ASP A 414 -31.68 -8.99 9.80
CA ASP A 414 -30.52 -9.70 9.19
C ASP A 414 -31.00 -10.46 7.95
N VAL A 415 -30.15 -11.29 7.36
CA VAL A 415 -30.44 -12.11 6.14
C VAL A 415 -31.65 -13.03 6.43
N ILE A 416 -31.68 -13.66 7.61
CA ILE A 416 -32.74 -14.63 8.04
C ILE A 416 -34.06 -13.87 8.29
N GLY A 417 -33.98 -12.57 8.58
CA GLY A 417 -35.14 -11.73 8.94
C GLY A 417 -35.24 -11.51 10.43
N THR A 418 -34.24 -11.97 11.20
CA THR A 418 -34.11 -11.80 12.66
C THR A 418 -33.85 -10.32 12.99
N ALA A 419 -34.52 -9.80 14.01
CA ALA A 419 -34.42 -8.39 14.50
C ALA A 419 -34.03 -8.41 15.98
N PRO A 420 -33.57 -7.27 16.55
CA PRO A 420 -33.18 -7.21 17.95
C PRO A 420 -34.24 -7.78 18.91
N LEU A 421 -35.51 -7.40 18.71
CA LEU A 421 -36.68 -7.84 19.52
C LEU A 421 -36.72 -9.38 19.57
N HIS A 422 -36.50 -10.04 18.42
CA HIS A 422 -36.47 -11.53 18.29
C HIS A 422 -35.38 -12.09 19.21
N LEU A 423 -34.17 -11.55 19.13
CA LEU A 423 -32.98 -12.01 19.89
C LEU A 423 -33.24 -11.87 21.40
N ALA A 424 -33.64 -10.68 21.85
CA ALA A 424 -33.89 -10.32 23.27
C ALA A 424 -34.94 -11.29 23.86
N ALA A 425 -36.11 -11.34 23.24
CA ALA A 425 -37.27 -12.18 23.67
C ALA A 425 -36.87 -13.66 23.71
N MET A 426 -36.16 -14.13 22.69
CA MET A 426 -35.74 -15.55 22.52
C MET A 426 -34.85 -15.97 23.70
N TRP A 427 -33.93 -15.09 24.13
CA TRP A 427 -32.85 -15.40 25.10
C TRP A 427 -33.23 -14.96 26.53
N GLY A 428 -34.26 -14.11 26.68
CA GLY A 428 -34.91 -13.82 27.97
C GLY A 428 -34.32 -12.61 28.67
N HIS A 429 -34.34 -11.44 28.01
CA HIS A 429 -33.86 -10.13 28.55
C HIS A 429 -35.05 -9.17 28.61
N LEU A 430 -35.89 -9.30 29.63
CA LEU A 430 -37.16 -8.54 29.81
C LEU A 430 -36.86 -7.03 29.81
N GLU A 431 -35.78 -6.60 30.46
CA GLU A 431 -35.35 -5.18 30.58
C GLU A 431 -35.01 -4.62 29.19
N ILE A 432 -34.31 -5.41 28.37
CA ILE A 432 -33.96 -5.07 26.96
C ILE A 432 -35.27 -4.97 26.14
N VAL A 433 -36.14 -5.97 26.28
CA VAL A 433 -37.44 -6.07 25.55
C VAL A 433 -38.29 -4.83 25.85
N GLU A 434 -38.38 -4.42 27.11
CA GLU A 434 -39.11 -3.20 27.57
C GLU A 434 -38.46 -1.96 26.95
N VAL A 435 -37.13 -1.93 26.91
CA VAL A 435 -36.31 -0.82 26.35
C VAL A 435 -36.59 -0.67 24.86
N LEU A 436 -36.50 -1.79 24.11
CA LEU A 436 -36.70 -1.84 22.63
C LEU A 436 -38.09 -1.32 22.26
N LEU A 437 -39.13 -1.85 22.92
CA LEU A 437 -40.56 -1.48 22.70
C LEU A 437 -40.75 0.03 22.91
N LYS A 438 -40.10 0.60 23.93
CA LYS A 438 -40.15 2.04 24.28
C LYS A 438 -39.62 2.90 23.13
N ASN A 439 -38.71 2.36 22.31
CA ASN A 439 -38.03 3.07 21.19
C ASN A 439 -38.70 2.71 19.85
N GLY A 440 -39.94 2.22 19.87
CA GLY A 440 -40.78 2.00 18.68
C GLY A 440 -40.43 0.71 17.95
N ALA A 441 -40.07 -0.35 18.68
CA ALA A 441 -39.81 -1.70 18.14
C ALA A 441 -41.13 -2.28 17.60
N ASP A 442 -41.10 -2.85 16.39
CA ASP A 442 -42.27 -3.53 15.76
C ASP A 442 -42.39 -4.94 16.33
N VAL A 443 -43.30 -5.12 17.30
CA VAL A 443 -43.60 -6.42 17.96
C VAL A 443 -44.13 -7.42 16.92
N ASN A 444 -44.88 -6.93 15.92
CA ASN A 444 -45.59 -7.77 14.92
C ASN A 444 -44.60 -8.37 13.91
N ALA A 445 -43.52 -7.65 13.58
CA ALA A 445 -42.48 -8.06 12.60
C ALA A 445 -41.97 -9.46 12.94
N GLN A 446 -41.81 -10.32 11.92
CA GLN A 446 -41.45 -11.76 12.06
C GLN A 446 -40.34 -12.10 11.06
N ASP A 447 -39.66 -13.23 11.28
CA ASP A 447 -38.48 -13.70 10.50
C ASP A 447 -38.95 -14.47 9.26
N LYS A 448 -38.02 -15.01 8.48
CA LYS A 448 -38.28 -15.79 7.24
C LYS A 448 -39.09 -17.06 7.59
N PHE A 449 -38.92 -17.58 8.81
CA PHE A 449 -39.60 -18.80 9.33
C PHE A 449 -41.02 -18.45 9.81
N GLY A 450 -41.35 -17.15 9.88
CA GLY A 450 -42.70 -16.65 10.19
C GLY A 450 -42.90 -16.39 11.68
N LYS A 451 -41.89 -16.70 12.51
CA LYS A 451 -41.95 -16.55 13.99
C LYS A 451 -41.79 -15.07 14.36
N THR A 452 -42.67 -14.57 15.22
CA THR A 452 -42.59 -13.22 15.87
C THR A 452 -41.85 -13.39 17.19
N PRO A 453 -41.39 -12.29 17.84
CA PRO A 453 -40.76 -12.37 19.15
C PRO A 453 -41.59 -13.17 20.18
N PHE A 454 -42.90 -12.92 20.21
CA PHE A 454 -43.89 -13.60 21.10
C PHE A 454 -43.85 -15.12 20.85
N ASP A 455 -43.80 -15.52 19.57
CA ASP A 455 -43.75 -16.95 19.14
C ASP A 455 -42.43 -17.57 19.63
N LEU A 456 -41.32 -16.84 19.50
CA LEU A 456 -39.96 -17.29 19.92
C LEU A 456 -39.89 -17.36 21.44
N ALA A 457 -40.49 -16.38 22.15
CA ALA A 457 -40.56 -16.31 23.62
C ALA A 457 -41.29 -17.54 24.17
N ILE A 458 -42.41 -17.93 23.53
CA ILE A 458 -43.21 -19.14 23.86
C ILE A 458 -42.35 -20.38 23.58
N ASP A 459 -41.71 -20.44 22.41
CA ASP A 459 -40.86 -21.57 21.94
C ASP A 459 -39.78 -21.87 23.00
N ASN A 460 -39.23 -20.84 23.64
CA ASN A 460 -38.16 -20.93 24.67
C ASN A 460 -38.80 -21.04 26.06
N GLY A 461 -40.01 -20.49 26.24
CA GLY A 461 -40.82 -20.64 27.46
C GLY A 461 -40.69 -19.45 28.41
N ASN A 462 -40.14 -18.33 27.93
CA ASN A 462 -40.03 -17.06 28.70
C ASN A 462 -41.42 -16.42 28.79
N GLU A 463 -42.27 -16.95 29.68
CA GLU A 463 -43.71 -16.61 29.81
C GLU A 463 -43.87 -15.17 30.29
N ASP A 464 -43.00 -14.71 31.19
CA ASP A 464 -43.01 -13.33 31.75
C ASP A 464 -42.92 -12.30 30.62
N ILE A 465 -42.14 -12.60 29.59
CA ILE A 465 -41.88 -11.71 28.42
C ILE A 465 -43.07 -11.77 27.47
N ALA A 466 -43.57 -12.98 27.19
CA ALA A 466 -44.73 -13.26 26.29
C ALA A 466 -45.91 -12.35 26.68
N GLU A 467 -46.23 -12.29 27.98
CA GLU A 467 -47.31 -11.44 28.55
C GLU A 467 -47.05 -9.97 28.20
N VAL A 468 -45.79 -9.53 28.30
CA VAL A 468 -45.35 -8.12 28.04
C VAL A 468 -45.59 -7.78 26.56
N LEU A 469 -45.34 -8.74 25.65
CA LEU A 469 -45.48 -8.56 24.18
C LEU A 469 -46.95 -8.62 23.77
N GLN A 470 -47.69 -9.63 24.26
CA GLN A 470 -49.12 -9.87 23.95
C GLN A 470 -49.94 -8.58 24.18
N LYS A 471 -49.71 -7.92 25.33
CA LYS A 471 -50.42 -6.69 25.75
C LYS A 471 -50.18 -5.57 24.72
N ALA A 472 -48.95 -5.44 24.22
CA ALA A 472 -48.53 -4.41 23.25
C ALA A 472 -49.28 -4.60 21.92
N ALA A 473 -49.33 -5.84 21.42
CA ALA A 473 -50.00 -6.23 20.16
C ALA A 473 -51.50 -5.91 20.26
N THR A 474 -52.14 -6.30 21.37
CA THR A 474 -53.58 -6.06 21.64
C THR A 474 -53.85 -4.56 21.74
N ARG A 475 -52.93 -3.80 22.34
CA ARG A 475 -52.97 -2.32 22.46
C ARG A 475 -53.02 -1.71 21.06
N GLU A 476 -52.22 -2.24 20.12
CA GLU A 476 -52.14 -1.78 18.71
C GLU A 476 -53.48 -2.03 18.01
N LEU A 477 -54.15 -3.15 18.32
CA LEU A 477 -55.48 -3.52 17.75
C LEU A 477 -56.53 -2.51 18.23
N GLU A 478 -56.49 -2.15 19.51
CA GLU A 478 -57.40 -1.14 20.15
C GLU A 478 -57.20 0.22 19.47
N VAL A 479 -55.94 0.58 19.19
CA VAL A 479 -55.53 1.88 18.56
C VAL A 479 -56.05 1.94 17.11
N LEU A 480 -56.22 0.78 16.46
CA LEU A 480 -56.64 0.67 15.04
C LEU A 480 -58.12 1.05 14.91
N PHE A 481 -58.95 0.69 15.89
CA PHE A 481 -60.38 1.06 15.98
C PHE A 481 -60.54 2.33 16.85
#